data_4GFQ
#
_entry.id   4GFQ
#
_cell.length_a   95.548
_cell.length_b   95.548
_cell.length_c   95.548
_cell.angle_alpha   90.00
_cell.angle_beta   90.00
_cell.angle_gamma   90.00
#
_symmetry.space_group_name_H-M   'P 2 3'
#
loop_
_entity.id
_entity.type
_entity.pdbx_description
1 polymer 'Ribosome-recycling factor'
2 non-polymer 'CHLORIDE ION'
3 non-polymer GLYCEROL
4 non-polymer 'PHOSPHATE ION'
5 non-polymer DI(HYDROXYETHYL)ETHER
6 water water
#
_entity_poly.entity_id   1
_entity_poly.type   'polypeptide(L)'
_entity_poly.pdbx_seq_one_letter_code
;MHHHHHHSSGVDLGTENLYFQSNAMGQQVLKFSNEKMEKAVAAYSRELATVRAGRASASVLDKVQVDYYGAPTPVVQLAN
ITVPEARLLVIQPYDKTSIGDIEKAILKADLGLNPSNDGTVIRIAFPALTEERRRDLVKVVKKYAEEAKVAVRNVRRDGN
DDLKKLEKAGEITEDDLRGYTEDIQKETDKYIAKVDEIAKNKEKEIMEV
;
_entity_poly.pdbx_strand_id   A
#
loop_
_chem_comp.id
_chem_comp.type
_chem_comp.name
_chem_comp.formula
CL non-polymer 'CHLORIDE ION' 'Cl -1'
GOL non-polymer GLYCEROL 'C3 H8 O3'
PEG non-polymer DI(HYDROXYETHYL)ETHER 'C4 H10 O3'
PO4 non-polymer 'PHOSPHATE ION' 'O4 P -3'
#
# COMPACT_ATOMS: atom_id res chain seq x y z
N ALA A 24 -24.63 24.84 4.50
CA ALA A 24 -25.78 23.91 4.66
C ALA A 24 -25.28 22.57 5.14
N MET A 25 -26.22 21.66 5.44
CA MET A 25 -25.89 20.28 5.84
C MET A 25 -25.54 19.48 4.59
N GLY A 26 -25.83 20.03 3.42
CA GLY A 26 -25.51 19.37 2.16
C GLY A 26 -24.01 19.46 2.03
N GLN A 27 -23.49 20.67 2.22
CA GLN A 27 -22.07 20.92 2.15
C GLN A 27 -21.47 19.86 3.03
N GLN A 28 -21.97 19.81 4.26
CA GLN A 28 -21.56 18.83 5.25
C GLN A 28 -21.52 17.40 4.68
N VAL A 29 -22.65 16.91 4.13
CA VAL A 29 -22.71 15.54 3.58
C VAL A 29 -21.64 15.30 2.50
N LEU A 30 -21.40 16.31 1.67
CA LEU A 30 -20.38 16.24 0.64
C LEU A 30 -18.98 16.10 1.19
N LYS A 31 -18.66 16.90 2.18
CA LYS A 31 -17.33 16.86 2.76
C LYS A 31 -17.12 15.49 3.39
N PHE A 32 -18.11 15.05 4.19
CA PHE A 32 -18.13 13.77 4.92
C PHE A 32 -18.06 12.61 3.92
N SER A 33 -18.70 12.80 2.78
CA SER A 33 -18.74 11.79 1.76
C SER A 33 -17.41 11.73 1.01
N ASN A 34 -16.84 12.88 0.73
CA ASN A 34 -15.55 12.97 0.05
C ASN A 34 -14.51 12.28 0.95
N GLU A 35 -14.60 12.52 2.26
CA GLU A 35 -13.71 11.89 3.22
C GLU A 35 -13.89 10.36 3.23
N LYS A 36 -15.14 9.89 3.20
CA LYS A 36 -15.39 8.45 3.20
C LYS A 36 -14.74 7.82 1.96
N MET A 37 -14.79 8.54 0.84
CA MET A 37 -14.20 8.06 -0.42
C MET A 37 -12.68 8.08 -0.36
N GLU A 38 -12.14 9.12 0.25
CA GLU A 38 -10.69 9.28 0.38
C GLU A 38 -10.13 8.13 1.24
N LYS A 39 -10.88 7.75 2.27
CA LYS A 39 -10.50 6.64 3.15
C LYS A 39 -10.50 5.27 2.43
N ALA A 40 -11.37 5.13 1.44
CA ALA A 40 -11.43 3.92 0.65
C ALA A 40 -10.19 3.84 -0.24
N VAL A 41 -9.77 5.00 -0.76
CA VAL A 41 -8.58 5.07 -1.59
C VAL A 41 -7.34 4.77 -0.71
N ALA A 42 -7.35 5.30 0.52
CA ALA A 42 -6.25 5.08 1.44
C ALA A 42 -6.10 3.60 1.74
N ALA A 43 -7.24 2.96 2.03
CA ALA A 43 -7.25 1.53 2.34
C ALA A 43 -6.75 0.76 1.16
N TYR A 44 -7.14 1.17 -0.03
CA TYR A 44 -6.70 0.50 -1.24
C TYR A 44 -5.18 0.57 -1.38
N SER A 45 -4.64 1.79 -1.22
CA SER A 45 -3.19 2.01 -1.30
C SER A 45 -2.45 1.18 -0.27
N ARG A 46 -3.05 0.97 0.89
N ARG A 46 -3.04 0.98 0.89
CA ARG A 46 -2.40 0.19 1.93
CA ARG A 46 -2.40 0.21 1.93
C ARG A 46 -2.28 -1.24 1.44
C ARG A 46 -2.30 -1.25 1.49
N GLU A 47 -3.37 -1.75 0.87
CA GLU A 47 -3.41 -3.12 0.37
C GLU A 47 -2.27 -3.31 -0.63
N LEU A 48 -2.10 -2.33 -1.51
CA LEU A 48 -1.06 -2.39 -2.54
C LEU A 48 0.34 -2.29 -2.00
N ALA A 49 0.51 -1.79 -0.79
CA ALA A 49 1.87 -1.63 -0.21
C ALA A 49 2.66 -2.94 -0.07
N THR A 50 1.95 -4.04 0.13
CA THR A 50 2.59 -5.34 0.24
C THR A 50 2.67 -6.08 -1.07
N VAL A 51 1.97 -5.60 -2.09
CA VAL A 51 2.03 -6.25 -3.41
C VAL A 51 3.31 -5.80 -4.11
N ARG A 52 4.37 -6.61 -4.01
CA ARG A 52 5.69 -6.28 -4.59
C ARG A 52 6.07 -7.14 -5.77
N ALA A 53 6.80 -6.53 -6.69
CA ALA A 53 7.23 -7.18 -7.92
C ALA A 53 8.57 -7.94 -7.80
N GLY A 54 9.27 -7.77 -6.69
CA GLY A 54 10.57 -8.45 -6.49
C GLY A 54 10.55 -9.39 -5.29
N ARG A 55 11.67 -10.08 -5.10
CA ARG A 55 11.77 -11.04 -4.02
C ARG A 55 12.30 -10.38 -2.76
N ALA A 56 12.71 -9.12 -2.90
CA ALA A 56 13.17 -8.35 -1.78
C ALA A 56 11.98 -8.23 -0.81
N SER A 57 12.19 -8.59 0.44
CA SER A 57 11.15 -8.55 1.46
C SER A 57 11.83 -8.76 2.81
N ALA A 58 11.28 -8.18 3.86
CA ALA A 58 11.85 -8.33 5.19
C ALA A 58 11.82 -9.79 5.60
N SER A 59 10.67 -10.42 5.39
CA SER A 59 10.49 -11.83 5.74
C SER A 59 11.61 -12.72 5.25
N VAL A 60 12.24 -12.36 4.13
CA VAL A 60 13.35 -13.14 3.61
C VAL A 60 14.47 -13.39 4.67
N LEU A 61 14.50 -12.60 5.74
CA LEU A 61 15.50 -12.75 6.81
C LEU A 61 14.93 -13.35 8.09
N ASP A 62 13.72 -13.90 8.02
CA ASP A 62 13.08 -14.47 9.21
C ASP A 62 13.94 -15.43 10.02
N LYS A 63 14.55 -16.42 9.38
CA LYS A 63 15.35 -17.41 10.12
C LYS A 63 16.85 -17.07 10.14
N VAL A 64 17.20 -15.80 10.04
CA VAL A 64 18.60 -15.40 10.07
C VAL A 64 18.92 -14.84 11.45
N GLN A 65 19.91 -15.42 12.12
CA GLN A 65 20.33 -14.99 13.45
C GLN A 65 21.82 -14.62 13.56
N VAL A 66 22.08 -13.53 14.27
CA VAL A 66 23.43 -13.02 14.46
C VAL A 66 23.78 -13.02 15.93
N ASP A 67 24.97 -13.52 16.26
CA ASP A 67 25.44 -13.49 17.63
C ASP A 67 25.75 -12.04 17.90
N TYR A 68 24.87 -11.41 18.65
CA TYR A 68 25.03 -10.02 19.00
C TYR A 68 25.25 -9.98 20.49
N TYR A 69 26.45 -9.59 20.90
CA TYR A 69 26.78 -9.58 22.31
C TYR A 69 26.53 -10.96 22.92
N GLY A 70 27.08 -11.98 22.26
CA GLY A 70 26.93 -13.36 22.72
C GLY A 70 25.47 -13.71 22.95
N ALA A 71 24.62 -13.23 22.07
CA ALA A 71 23.20 -13.50 22.14
C ALA A 71 22.70 -13.62 20.71
N PRO A 72 22.28 -14.84 20.33
CA PRO A 72 21.78 -15.06 18.98
C PRO A 72 20.44 -14.35 18.81
N THR A 73 20.45 -13.23 18.09
CA THR A 73 19.23 -12.45 17.91
C THR A 73 18.91 -12.27 16.43
N PRO A 74 17.60 -12.24 16.08
CA PRO A 74 17.18 -12.08 14.68
C PRO A 74 17.64 -10.76 14.07
N VAL A 75 17.93 -10.80 12.78
CA VAL A 75 18.41 -9.62 12.06
C VAL A 75 17.41 -8.49 12.23
N VAL A 76 16.16 -8.81 12.05
CA VAL A 76 15.08 -7.87 12.20
C VAL A 76 15.17 -7.06 13.49
N GLN A 77 15.51 -7.73 14.58
CA GLN A 77 15.62 -7.08 15.89
C GLN A 77 16.84 -6.18 16.06
N LEU A 78 17.74 -6.23 15.08
CA LEU A 78 18.97 -5.48 15.10
C LEU A 78 19.03 -4.43 13.99
N ALA A 79 18.01 -4.37 13.13
CA ALA A 79 18.05 -3.43 12.04
C ALA A 79 16.70 -2.99 11.56
N ASN A 80 16.71 -1.90 10.81
CA ASN A 80 15.54 -1.34 10.18
C ASN A 80 15.61 -1.82 8.74
N ILE A 81 14.64 -2.61 8.34
CA ILE A 81 14.63 -3.21 7.04
C ILE A 81 13.64 -2.56 6.16
N THR A 82 14.10 -2.26 4.95
CA THR A 82 13.28 -1.60 3.97
C THR A 82 13.56 -2.20 2.60
N VAL A 83 12.66 -1.91 1.69
CA VAL A 83 12.71 -2.32 0.29
C VAL A 83 12.37 -1.11 -0.58
N PRO A 84 13.34 -0.24 -0.82
CA PRO A 84 13.16 0.99 -1.61
C PRO A 84 12.77 0.75 -3.06
N GLU A 85 13.23 -0.35 -3.65
CA GLU A 85 12.88 -0.69 -5.02
C GLU A 85 12.73 -2.20 -5.13
N ALA A 86 11.96 -2.62 -6.12
CA ALA A 86 11.68 -4.04 -6.33
C ALA A 86 12.86 -5.00 -6.04
N ARG A 87 14.00 -4.74 -6.66
CA ARG A 87 15.14 -5.64 -6.55
C ARG A 87 16.13 -5.33 -5.47
N LEU A 88 15.72 -4.74 -4.36
CA LEU A 88 16.72 -4.38 -3.40
C LEU A 88 16.27 -4.38 -1.96
N LEU A 89 16.94 -5.17 -1.12
CA LEU A 89 16.65 -5.20 0.29
C LEU A 89 17.75 -4.38 0.97
N VAL A 90 17.34 -3.43 1.80
CA VAL A 90 18.29 -2.55 2.49
C VAL A 90 18.08 -2.75 3.97
N ILE A 91 19.19 -3.01 4.67
CA ILE A 91 19.20 -3.25 6.12
C ILE A 91 20.07 -2.22 6.85
N GLN A 92 19.46 -1.30 7.59
CA GLN A 92 20.23 -0.33 8.36
C GLN A 92 20.20 -0.72 9.85
N PRO A 93 21.32 -1.27 10.36
CA PRO A 93 21.42 -1.68 11.75
C PRO A 93 21.43 -0.54 12.74
N TYR A 94 21.01 -0.86 13.97
CA TYR A 94 20.97 0.11 15.05
C TYR A 94 22.38 0.32 15.59
N ASP A 95 23.21 -0.72 15.48
CA ASP A 95 24.59 -0.70 15.92
C ASP A 95 25.45 -0.99 14.69
N LYS A 96 25.89 0.07 14.02
CA LYS A 96 26.67 -0.07 12.79
C LYS A 96 27.94 -0.94 12.88
N THR A 97 28.42 -1.19 14.09
CA THR A 97 29.59 -2.04 14.28
C THR A 97 29.20 -3.52 14.04
N SER A 98 27.91 -3.79 14.05
CA SER A 98 27.40 -5.14 13.84
C SER A 98 27.20 -5.48 12.34
N ILE A 99 27.50 -4.55 11.44
CA ILE A 99 27.36 -4.80 10.01
C ILE A 99 28.07 -6.06 9.57
N GLY A 100 29.37 -6.12 9.82
CA GLY A 100 30.17 -7.27 9.43
C GLY A 100 29.57 -8.59 9.88
N ASP A 101 29.08 -8.62 11.11
CA ASP A 101 28.51 -9.86 11.63
C ASP A 101 27.18 -10.19 11.01
N ILE A 102 26.44 -9.14 10.60
CA ILE A 102 25.13 -9.31 9.97
C ILE A 102 25.29 -9.86 8.56
N GLU A 103 26.29 -9.39 7.82
CA GLU A 103 26.54 -9.93 6.49
C GLU A 103 26.99 -11.37 6.61
N LYS A 104 27.86 -11.64 7.59
CA LYS A 104 28.36 -12.99 7.83
C LYS A 104 27.21 -13.95 8.13
N ALA A 105 26.20 -13.46 8.83
CA ALA A 105 25.05 -14.27 9.16
C ALA A 105 24.16 -14.49 7.93
N ILE A 106 24.10 -13.50 7.05
CA ILE A 106 23.29 -13.58 5.82
C ILE A 106 23.90 -14.53 4.80
N LEU A 107 25.23 -14.45 4.65
CA LEU A 107 25.96 -15.36 3.76
C LEU A 107 25.76 -16.80 4.25
N LYS A 108 25.97 -17.02 5.55
CA LYS A 108 25.77 -18.33 6.12
C LYS A 108 24.32 -18.80 5.92
N ALA A 109 23.36 -17.89 6.01
CA ALA A 109 21.96 -18.28 5.77
C ALA A 109 21.94 -19.01 4.45
N ASP A 110 22.79 -18.53 3.52
CA ASP A 110 22.91 -19.11 2.20
C ASP A 110 21.55 -19.07 1.57
N LEU A 111 21.07 -17.85 1.36
CA LEU A 111 19.80 -17.66 0.72
C LEU A 111 20.10 -17.39 -0.75
N GLY A 112 21.41 -17.28 -1.05
CA GLY A 112 21.88 -16.96 -2.40
C GLY A 112 21.94 -15.44 -2.50
N LEU A 113 22.54 -14.84 -1.49
CA LEU A 113 22.62 -13.39 -1.36
C LEU A 113 24.06 -12.92 -1.21
N ASN A 114 24.43 -11.89 -1.98
CA ASN A 114 25.78 -11.30 -1.94
C ASN A 114 25.69 -9.86 -1.42
N PRO A 115 25.63 -9.70 -0.10
CA PRO A 115 25.49 -8.40 0.53
C PRO A 115 26.60 -7.37 0.33
N SER A 116 26.19 -6.13 0.04
CA SER A 116 27.09 -5.00 -0.09
C SER A 116 27.03 -4.22 1.20
N ASN A 117 28.00 -3.36 1.39
CA ASN A 117 28.06 -2.60 2.58
C ASN A 117 28.45 -1.19 2.26
N ASP A 118 27.66 -0.29 2.80
CA ASP A 118 27.79 1.13 2.62
C ASP A 118 28.67 1.76 3.70
N GLY A 119 28.66 1.11 4.85
CA GLY A 119 29.34 1.58 6.05
C GLY A 119 28.26 1.93 7.07
N THR A 120 27.04 2.20 6.59
CA THR A 120 25.92 2.51 7.48
C THR A 120 24.69 1.62 7.16
N VAL A 121 24.68 1.06 5.96
CA VAL A 121 23.61 0.20 5.48
C VAL A 121 24.16 -1.00 4.69
N ILE A 122 23.45 -2.10 4.76
CA ILE A 122 23.79 -3.29 4.02
C ILE A 122 22.75 -3.35 2.91
N ARG A 123 23.18 -3.77 1.73
CA ARG A 123 22.28 -3.86 0.58
C ARG A 123 22.34 -5.21 -0.12
N ILE A 124 21.18 -5.79 -0.38
CA ILE A 124 21.14 -7.07 -1.04
C ILE A 124 20.28 -6.99 -2.27
N ALA A 125 20.86 -7.37 -3.40
CA ALA A 125 20.19 -7.40 -4.66
C ALA A 125 19.33 -8.65 -4.67
N PHE A 126 18.12 -8.52 -5.22
CA PHE A 126 17.18 -9.64 -5.36
C PHE A 126 16.51 -9.57 -6.74
N PRO A 127 16.34 -10.72 -7.40
CA PRO A 127 15.68 -10.64 -8.69
C PRO A 127 14.17 -10.35 -8.58
N ALA A 128 13.56 -9.96 -9.68
CA ALA A 128 12.15 -9.73 -9.70
C ALA A 128 11.45 -11.08 -9.56
N LEU A 129 10.16 -11.02 -9.24
CA LEU A 129 9.37 -12.21 -9.14
C LEU A 129 9.21 -12.74 -10.56
N THR A 130 8.90 -14.02 -10.70
CA THR A 130 8.71 -14.61 -12.02
C THR A 130 7.60 -13.83 -12.68
N GLU A 131 7.57 -13.81 -14.00
CA GLU A 131 6.54 -13.08 -14.70
C GLU A 131 5.17 -13.72 -14.43
N GLU A 132 5.17 -15.03 -14.17
CA GLU A 132 3.93 -15.75 -13.89
C GLU A 132 3.29 -15.25 -12.57
N ARG A 133 4.09 -15.24 -11.50
CA ARG A 133 3.68 -14.74 -10.18
C ARG A 133 3.25 -13.30 -10.33
N ARG A 134 3.93 -12.62 -11.23
CA ARG A 134 3.68 -11.23 -11.48
C ARG A 134 2.26 -11.01 -12.00
N ARG A 135 1.81 -11.83 -12.94
CA ARG A 135 0.47 -11.64 -13.52
C ARG A 135 -0.62 -12.01 -12.51
N ASP A 136 -0.28 -12.83 -11.52
CA ASP A 136 -1.22 -13.21 -10.46
C ASP A 136 -1.44 -12.02 -9.57
N LEU A 137 -0.36 -11.29 -9.31
CA LEU A 137 -0.41 -10.09 -8.47
C LEU A 137 -1.23 -9.01 -9.16
N VAL A 138 -1.12 -8.90 -10.48
CA VAL A 138 -1.97 -7.94 -11.19
C VAL A 138 -3.43 -8.30 -10.91
N LYS A 139 -3.76 -9.59 -10.94
CA LYS A 139 -5.13 -10.01 -10.61
C LYS A 139 -5.49 -9.47 -9.23
N VAL A 140 -4.62 -9.67 -8.25
CA VAL A 140 -4.85 -9.18 -6.87
C VAL A 140 -5.10 -7.67 -6.84
N VAL A 141 -4.31 -6.94 -7.62
CA VAL A 141 -4.42 -5.48 -7.72
C VAL A 141 -5.82 -5.10 -8.17
N LYS A 142 -6.36 -5.90 -9.07
CA LYS A 142 -7.70 -5.67 -9.58
C LYS A 142 -8.79 -6.08 -8.55
N LYS A 143 -8.60 -7.18 -7.80
CA LYS A 143 -9.58 -7.50 -6.77
C LYS A 143 -9.71 -6.30 -5.85
N TYR A 144 -8.58 -5.80 -5.37
CA TYR A 144 -8.59 -4.64 -4.48
C TYR A 144 -9.12 -3.40 -5.20
N ALA A 145 -8.83 -3.28 -6.49
CA ALA A 145 -9.34 -2.17 -7.27
C ALA A 145 -10.87 -2.23 -7.21
N GLU A 146 -11.42 -3.41 -7.49
CA GLU A 146 -12.86 -3.57 -7.48
C GLU A 146 -13.48 -3.41 -6.11
N GLU A 147 -12.78 -3.87 -5.07
CA GLU A 147 -13.32 -3.74 -3.73
C GLU A 147 -13.44 -2.27 -3.38
N ALA A 148 -12.40 -1.50 -3.72
CA ALA A 148 -12.37 -0.07 -3.44
C ALA A 148 -13.52 0.67 -4.13
N LYS A 149 -13.80 0.32 -5.39
CA LYS A 149 -14.88 0.98 -6.14
C LYS A 149 -16.23 0.69 -5.51
N VAL A 150 -16.37 -0.50 -4.95
CA VAL A 150 -17.61 -0.86 -4.30
C VAL A 150 -17.79 0.01 -3.05
N ALA A 151 -16.70 0.29 -2.36
CA ALA A 151 -16.77 1.10 -1.16
C ALA A 151 -17.14 2.54 -1.54
N VAL A 152 -16.52 3.06 -2.58
CA VAL A 152 -16.80 4.43 -3.07
C VAL A 152 -18.26 4.53 -3.53
N ARG A 153 -18.78 3.47 -4.12
CA ARG A 153 -20.16 3.46 -4.56
C ARG A 153 -21.10 3.42 -3.36
N ASN A 154 -20.70 2.72 -2.32
CA ASN A 154 -21.53 2.67 -1.14
C ASN A 154 -21.60 4.03 -0.47
N VAL A 155 -20.53 4.79 -0.55
CA VAL A 155 -20.48 6.13 0.01
C VAL A 155 -21.44 7.04 -0.73
N ARG A 156 -21.51 6.86 -2.05
CA ARG A 156 -22.40 7.64 -2.89
C ARG A 156 -23.84 7.36 -2.49
N ARG A 157 -24.19 6.08 -2.40
CA ARG A 157 -25.53 5.67 -2.02
C ARG A 157 -25.86 6.26 -0.67
N ASP A 158 -25.00 5.99 0.31
CA ASP A 158 -25.17 6.51 1.67
C ASP A 158 -25.41 8.01 1.67
N GLY A 159 -24.69 8.73 0.81
CA GLY A 159 -24.80 10.18 0.71
C GLY A 159 -26.07 10.62 0.02
N ASN A 160 -26.43 9.93 -1.06
CA ASN A 160 -27.65 10.24 -1.77
C ASN A 160 -28.80 10.03 -0.82
N ASP A 161 -28.71 8.97 -0.01
CA ASP A 161 -29.74 8.68 0.97
C ASP A 161 -29.80 9.79 2.01
N ASP A 162 -28.66 10.19 2.51
CA ASP A 162 -28.61 11.23 3.53
C ASP A 162 -29.09 12.59 2.99
N LEU A 163 -29.01 12.79 1.69
CA LEU A 163 -29.50 14.04 1.09
C LEU A 163 -31.01 13.95 0.98
N LYS A 164 -31.51 12.84 0.43
CA LYS A 164 -32.94 12.65 0.31
C LYS A 164 -33.63 12.87 1.65
N LYS A 165 -32.99 12.43 2.74
CA LYS A 165 -33.55 12.59 4.08
C LYS A 165 -33.49 14.06 4.54
N LEU A 166 -32.37 14.71 4.30
CA LEU A 166 -32.21 16.10 4.71
C LEU A 166 -33.25 16.96 4.04
N GLU A 167 -33.61 16.59 2.82
CA GLU A 167 -34.60 17.31 2.06
C GLU A 167 -36.00 17.11 2.71
N LYS A 168 -36.31 15.88 3.09
CA LYS A 168 -37.57 15.56 3.73
C LYS A 168 -37.68 16.16 5.13
N ALA A 169 -36.54 16.22 5.83
CA ALA A 169 -36.50 16.82 7.15
C ALA A 169 -36.66 18.34 7.05
N GLY A 170 -36.48 18.90 5.86
CA GLY A 170 -36.60 20.34 5.66
C GLY A 170 -35.30 21.11 5.79
N GLU A 171 -34.18 20.41 5.90
CA GLU A 171 -32.86 21.05 5.96
C GLU A 171 -32.45 21.49 4.58
N ILE A 172 -32.87 20.74 3.57
CA ILE A 172 -32.52 21.02 2.19
C ILE A 172 -33.73 21.31 1.34
N THR A 173 -33.53 22.06 0.28
CA THR A 173 -34.60 22.36 -0.67
C THR A 173 -34.43 21.44 -1.89
N GLU A 174 -35.49 21.32 -2.68
CA GLU A 174 -35.46 20.47 -3.87
C GLU A 174 -34.33 20.94 -4.80
N ASP A 175 -34.20 22.27 -4.91
CA ASP A 175 -33.17 22.89 -5.74
C ASP A 175 -31.80 22.37 -5.28
N ASP A 176 -31.65 22.23 -3.97
CA ASP A 176 -30.41 21.75 -3.37
C ASP A 176 -30.21 20.26 -3.51
N LEU A 177 -31.28 19.47 -3.31
CA LEU A 177 -31.17 18.00 -3.45
C LEU A 177 -30.60 17.62 -4.81
N ARG A 178 -31.02 18.29 -5.89
CA ARG A 178 -30.46 17.98 -7.21
C ARG A 178 -29.00 18.43 -7.34
N GLY A 179 -28.69 19.63 -6.86
CA GLY A 179 -27.34 20.17 -6.91
C GLY A 179 -26.37 19.31 -6.14
N TYR A 180 -26.67 19.05 -4.88
CA TYR A 180 -25.77 18.23 -4.07
C TYR A 180 -25.74 16.76 -4.51
N THR A 181 -26.82 16.28 -5.12
CA THR A 181 -26.81 14.91 -5.62
C THR A 181 -25.83 14.82 -6.78
N GLU A 182 -25.93 15.77 -7.71
CA GLU A 182 -25.03 15.81 -8.86
C GLU A 182 -23.60 15.92 -8.34
N ASP A 183 -23.36 16.85 -7.40
CA ASP A 183 -22.04 17.02 -6.80
C ASP A 183 -21.46 15.69 -6.36
N ILE A 184 -22.22 14.92 -5.58
CA ILE A 184 -21.73 13.64 -5.12
C ILE A 184 -21.43 12.70 -6.28
N GLN A 185 -22.28 12.74 -7.29
CA GLN A 185 -22.05 11.89 -8.42
C GLN A 185 -20.71 12.22 -9.08
N LYS A 186 -20.40 13.52 -9.19
CA LYS A 186 -19.16 13.95 -9.80
C LYS A 186 -17.97 13.42 -9.06
N GLU A 187 -18.00 13.47 -7.73
CA GLU A 187 -16.86 12.98 -6.98
C GLU A 187 -16.75 11.48 -7.05
N THR A 188 -17.88 10.80 -7.11
CA THR A 188 -17.86 9.37 -7.22
C THR A 188 -17.01 9.05 -8.46
N ASP A 189 -17.31 9.69 -9.57
CA ASP A 189 -16.57 9.49 -10.82
C ASP A 189 -15.08 9.86 -10.66
N LYS A 190 -14.82 10.94 -9.92
CA LYS A 190 -13.44 11.37 -9.64
C LYS A 190 -12.66 10.28 -8.90
N TYR A 191 -13.29 9.72 -7.86
CA TYR A 191 -12.66 8.66 -7.09
C TYR A 191 -12.70 7.30 -7.77
N ILE A 192 -13.59 7.09 -8.74
CA ILE A 192 -13.56 5.82 -9.43
C ILE A 192 -12.37 5.94 -10.40
N ALA A 193 -12.19 7.12 -10.96
CA ALA A 193 -11.09 7.37 -11.88
C ALA A 193 -9.79 7.24 -11.13
N LYS A 194 -9.77 7.73 -9.90
CA LYS A 194 -8.55 7.70 -9.08
C LYS A 194 -8.13 6.26 -8.84
N VAL A 195 -9.07 5.42 -8.47
CA VAL A 195 -8.79 4.01 -8.22
C VAL A 195 -8.24 3.33 -9.48
N ASP A 196 -8.84 3.62 -10.62
CA ASP A 196 -8.38 3.05 -11.89
C ASP A 196 -6.93 3.44 -12.14
N GLU A 197 -6.69 4.74 -11.99
CA GLU A 197 -5.37 5.33 -12.18
C GLU A 197 -4.35 4.62 -11.30
N ILE A 198 -4.70 4.41 -10.04
CA ILE A 198 -3.79 3.74 -9.12
C ILE A 198 -3.53 2.30 -9.58
N ALA A 199 -4.59 1.62 -9.99
CA ALA A 199 -4.47 0.25 -10.46
C ALA A 199 -3.57 0.18 -11.68
N LYS A 200 -3.81 1.05 -12.65
CA LYS A 200 -3.01 1.10 -13.85
C LYS A 200 -1.55 1.30 -13.48
N ASN A 201 -1.27 2.27 -12.63
CA ASN A 201 0.11 2.55 -12.21
C ASN A 201 0.74 1.35 -11.55
N LYS A 202 -0.04 0.69 -10.70
CA LYS A 202 0.49 -0.47 -9.96
C LYS A 202 0.77 -1.63 -10.89
N GLU A 203 -0.10 -1.83 -11.86
CA GLU A 203 0.06 -2.90 -12.82
C GLU A 203 1.31 -2.65 -13.67
N LYS A 204 1.46 -1.41 -14.13
CA LYS A 204 2.63 -1.04 -14.94
C LYS A 204 3.88 -1.31 -14.10
N GLU A 205 3.88 -0.76 -12.90
CA GLU A 205 4.97 -0.90 -11.96
C GLU A 205 5.37 -2.33 -11.75
N ILE A 206 4.36 -3.21 -11.69
CA ILE A 206 4.58 -4.62 -11.46
C ILE A 206 5.11 -5.36 -12.69
N MET A 207 4.48 -5.14 -13.83
CA MET A 207 4.89 -5.82 -15.04
C MET A 207 6.17 -5.29 -15.66
N GLU A 208 6.40 -3.98 -15.60
CA GLU A 208 7.58 -3.39 -16.23
C GLU A 208 8.75 -3.21 -15.29
N VAL A 209 9.15 -4.30 -14.67
CA VAL A 209 10.27 -4.37 -13.71
C VAL A 209 9.64 -4.75 -12.37
CL CL B . 9.91 -0.43 2.82
CL CL C . -27.94 5.87 -5.27
C1 GOL D . -39.19 24.22 -0.23
O1 GOL D . -38.41 24.50 0.91
C2 GOL D . -38.29 23.91 -1.43
O2 GOL D . -38.14 22.50 -1.56
C3 GOL D . -38.85 24.48 -2.74
O3 GOL D . -37.78 24.87 -3.58
C1 GOL E . 7.67 2.44 -1.67
O1 GOL E . 8.55 1.96 -0.66
C2 GOL E . 7.49 1.42 -2.79
O2 GOL E . 6.44 1.78 -3.67
C3 GOL E . 8.78 1.26 -3.58
O3 GOL E . 8.60 0.32 -4.62
P PO4 F . -16.04 0.67 -13.14
O1 PO4 F . -16.67 -0.70 -13.04
O2 PO4 F . -16.22 1.41 -11.83
O3 PO4 F . -14.57 0.52 -13.41
O4 PO4 F . -16.68 1.48 -14.26
C1 PEG G . 9.04 1.49 -8.26
O1 PEG G . 8.97 1.99 -9.61
C2 PEG G . 9.91 0.23 -8.20
O2 PEG G . 9.50 -0.60 -7.11
C3 PEG G . 8.43 -1.51 -7.41
C4 PEG G . 7.89 -2.15 -6.12
O4 PEG G . 7.19 -3.38 -6.37
#